data_7XD3
#
_entry.id   7XD3
#
_cell.length_a   1.00
_cell.length_b   1.00
_cell.length_c   1.00
_cell.angle_alpha   90.00
_cell.angle_beta   90.00
_cell.angle_gamma   90.00
#
_symmetry.space_group_name_H-M   'P 1'
#
loop_
_entity.id
_entity.type
_entity.pdbx_description
1 polymer "The relaxed pre-Tet-S1 state molecule of co-transcriptional folded wild-type Tetrahymena group I intron with 6nt 3'/5'-exon"
2 non-polymer 'MAGNESIUM ION'
#
_entity_poly.entity_id   1
_entity_poly.type   'polyribonucleotide'
_entity_poly.pdbx_seq_one_letter_code
;CUCUCUAAAUAGCAAUAUUUACCUUUGGAGGGAAAAGUUAUCAGGCAUGCACCUGGUAGCUAGUCUUUAAACCAAUAGAU
UGCAUCGGUUUAAAAGGCAAGACCGUCAAAUUGCGGGAAAGGGGUCAACAGCCGUUCAGUACCAAGUCUCAGGGGAAACU
UUGAGAUGGCCUUGCAAAGGGUAUGGUAAUAAGCUGACGGACAUGGUCCUAACCACGCAGCCAAGUCCUAAGUCAACAGA
UCUUCUGUUGAUAUGGAUGCAGUUCACAGACUAAAUGUCGGUCGGGGAAGAUGUAUUCUUCUCAUAAGAUAUAGUCGGAC
CUCUCCUUAAUGGGAGCUAGCGGAUGAAGUGAUGCAACACUGGAGCCGCUGGGAACUAAUUUGUAUGCGAAAGUAUAUUG
AUUAGUUUUGGAGUACUCGUAAGGUA
;
_entity_poly.pdbx_strand_id   N
#